data_2P0N
#
_entry.id   2P0N
#
_cell.length_a   103.579
_cell.length_b   59.558
_cell.length_c   59.706
_cell.angle_alpha   90.00
_cell.angle_beta   110.32
_cell.angle_gamma   90.00
#
_symmetry.space_group_name_H-M   'C 1 2 1'
#
loop_
_entity.id
_entity.type
_entity.pdbx_description
1 polymer 'Hypothetical protein NMB1532'
2 non-polymer 'MANGANESE (II) ION'
3 non-polymer 'CHLORIDE ION'
4 non-polymer BETA-MERCAPTOETHANOL
5 non-polymer GLYCEROL
6 water water
#
_entity_poly.entity_id   1
_entity_poly.type   'polypeptide(L)'
_entity_poly.pdbx_seq_one_letter_code
;SNA(MSE)NPFETKSVTFAEPIE(MSE)LYACHGKVRRFCGQVA(MSE)LSDYIAENGCNQIVLQTIRQIAQYFNVAAPL
HHEDEEENFFPLLLQYAPQAQESVDELLRQHIGLHDNWAAVSAEFAKLEADNAYVPDEEAFKRFVAGYDVHLAIEEPLFD
(MSE)GNTFIPKEKLTEIGEI(MSE)AARRRK
;
_entity_poly.pdbx_strand_id   A,B
#
# COMPACT_ATOMS: atom_id res chain seq x y z
N VAL A 12 11.43 3.11 27.37
CA VAL A 12 12.29 2.57 26.26
C VAL A 12 13.35 3.60 25.80
N THR A 13 14.51 3.11 25.33
CA THR A 13 15.65 3.95 25.00
C THR A 13 16.21 3.55 23.64
N PHE A 14 17.08 4.40 23.08
CA PHE A 14 17.77 4.08 21.83
C PHE A 14 18.75 2.91 21.96
N ALA A 15 19.03 2.47 23.20
CA ALA A 15 19.77 1.23 23.47
C ALA A 15 19.03 -0.03 23.00
N GLU A 16 17.69 0.08 22.88
CA GLU A 16 16.87 -0.95 22.28
CA GLU A 16 16.81 -0.94 22.31
C GLU A 16 16.17 -0.34 21.06
N PRO A 17 16.90 -0.24 19.93
CA PRO A 17 16.40 0.54 18.78
C PRO A 17 15.11 0.00 18.20
N ILE A 18 14.88 -1.31 18.24
CA ILE A 18 13.62 -1.83 17.69
C ILE A 18 12.48 -1.46 18.62
N GLU A 19 12.71 -1.51 19.92
CA GLU A 19 11.67 -1.06 20.84
CA GLU A 19 11.70 -1.05 20.86
C GLU A 19 11.36 0.42 20.61
N LEU A 21 11.64 1.99 17.60
CA LEU A 21 10.84 2.05 16.38
C LEU A 21 9.37 1.74 16.72
N TYR A 22 9.13 0.71 17.55
CA TYR A 22 7.73 0.40 17.94
C TYR A 22 7.12 1.53 18.73
N ALA A 23 7.92 2.20 19.58
CA ALA A 23 7.39 3.32 20.40
C ALA A 23 6.94 4.47 19.51
N CYS A 24 7.70 4.73 18.45
CA CYS A 24 7.30 5.74 17.47
C CYS A 24 6.00 5.30 16.80
N HIS A 25 5.86 3.99 16.48
CA HIS A 25 4.61 3.52 15.92
C HIS A 25 3.42 3.74 16.86
N GLY A 26 3.66 3.66 18.17
CA GLY A 26 2.56 3.97 19.08
C GLY A 26 2.13 5.41 18.91
N LYS A 27 3.08 6.32 18.70
CA LYS A 27 2.72 7.71 18.46
C LYS A 27 1.98 7.90 17.13
N VAL A 28 2.47 7.24 16.09
CA VAL A 28 1.83 7.32 14.77
C VAL A 28 0.37 6.85 14.92
N ARG A 29 0.16 5.74 15.62
CA ARG A 29 -1.21 5.23 15.80
C ARG A 29 -2.09 6.21 16.57
N ARG A 30 -1.54 6.82 17.61
CA ARG A 30 -2.35 7.75 18.40
CA ARG A 30 -2.34 7.74 18.41
C ARG A 30 -2.79 8.92 17.54
N PHE A 31 -1.84 9.52 16.82
CA PHE A 31 -2.15 10.69 15.98
C PHE A 31 -3.06 10.32 14.81
N CYS A 32 -2.83 9.16 14.20
CA CYS A 32 -3.79 8.70 13.15
C CYS A 32 -5.18 8.52 13.72
N GLY A 33 -5.29 8.04 14.96
CA GLY A 33 -6.62 7.89 15.58
C GLY A 33 -7.32 9.22 15.70
N GLN A 34 -6.53 10.25 16.00
CA GLN A 34 -7.09 11.61 16.08
C GLN A 34 -7.48 12.12 14.71
N VAL A 35 -6.64 11.90 13.70
CA VAL A 35 -7.01 12.36 12.36
C VAL A 35 -8.30 11.70 11.92
N ALA A 36 -8.47 10.41 12.26
CA ALA A 36 -9.66 9.65 11.89
C ALA A 36 -10.95 10.24 12.53
N LEU A 38 -11.33 13.57 13.19
CA LEU A 38 -11.35 15.02 12.99
CA LEU A 38 -11.38 15.03 13.06
C LEU A 38 -12.61 15.51 12.32
N SER A 39 -12.98 14.83 11.23
CA SER A 39 -14.10 15.34 10.43
C SER A 39 -15.40 15.32 11.23
N ASP A 40 -15.62 14.22 11.95
CA ASP A 40 -16.85 14.17 12.71
C ASP A 40 -16.82 15.12 13.89
N TYR A 41 -15.66 15.25 14.54
CA TYR A 41 -15.56 16.17 15.67
C TYR A 41 -15.83 17.59 15.22
N ILE A 42 -15.29 17.96 14.07
CA ILE A 42 -15.50 19.32 13.57
C ILE A 42 -16.97 19.54 13.21
N ALA A 43 -17.59 18.53 12.61
CA ALA A 43 -18.98 18.76 12.23
C ALA A 43 -19.78 18.97 13.50
N GLU A 44 -19.52 18.15 14.51
CA GLU A 44 -20.33 18.20 15.75
C GLU A 44 -20.10 19.45 16.58
N ASN A 45 -18.85 19.91 16.64
CA ASN A 45 -18.41 20.95 17.56
C ASN A 45 -17.85 22.21 16.94
N GLY A 46 -17.60 22.18 15.64
CA GLY A 46 -16.89 23.26 14.99
C GLY A 46 -15.38 23.09 15.06
N CYS A 47 -14.66 23.94 14.35
CA CYS A 47 -13.20 23.94 14.41
C CYS A 47 -12.88 24.85 15.61
N ASN A 48 -13.02 24.27 16.80
CA ASN A 48 -12.84 24.98 18.07
C ASN A 48 -11.38 24.97 18.52
N GLN A 49 -11.08 25.51 19.70
CA GLN A 49 -9.67 25.55 20.13
CA GLN A 49 -9.70 25.56 20.20
C GLN A 49 -9.10 24.17 20.41
N ILE A 50 -9.94 23.20 20.79
CA ILE A 50 -9.46 21.83 20.95
C ILE A 50 -9.02 21.28 19.60
N VAL A 51 -9.76 21.58 18.53
CA VAL A 51 -9.34 21.10 17.18
C VAL A 51 -8.02 21.75 16.83
N LEU A 52 -7.92 23.08 17.01
CA LEU A 52 -6.70 23.79 16.61
C LEU A 52 -5.46 23.28 17.37
N GLN A 53 -5.60 23.03 18.66
CA GLN A 53 -4.52 22.48 19.45
CA GLN A 53 -4.45 22.51 19.39
C GLN A 53 -4.12 21.08 18.99
N THR A 54 -5.14 20.28 18.70
CA THR A 54 -4.92 18.89 18.29
C THR A 54 -4.17 18.86 16.98
N ILE A 55 -4.63 19.67 16.03
CA ILE A 55 -3.99 19.69 14.71
C ILE A 55 -2.57 20.24 14.75
N ARG A 56 -2.31 21.18 15.65
CA ARG A 56 -0.94 21.68 15.85
CA ARG A 56 -0.94 21.68 15.81
C ARG A 56 0.00 20.55 16.26
N GLN A 57 -0.46 19.74 17.22
CA GLN A 57 0.35 18.64 17.73
C GLN A 57 0.57 17.54 16.69
N ILE A 58 -0.47 17.23 15.91
CA ILE A 58 -0.30 16.25 14.85
C ILE A 58 0.70 16.73 13.86
N ALA A 59 0.60 17.99 13.46
CA ALA A 59 1.49 18.54 12.44
C ALA A 59 2.94 18.61 12.95
N GLN A 60 3.14 18.87 14.24
CA GLN A 60 4.51 18.86 14.76
C GLN A 60 5.09 17.45 14.54
N TYR A 61 4.32 16.43 14.89
CA TYR A 61 4.81 15.06 14.79
C TYR A 61 5.13 14.73 13.32
N PHE A 62 4.19 14.96 12.42
CA PHE A 62 4.46 14.54 11.02
C PHE A 62 5.38 15.44 10.21
N ASN A 63 5.51 16.71 10.65
CA ASN A 63 6.45 17.56 9.96
C ASN A 63 7.88 17.30 10.40
N VAL A 64 8.07 16.94 11.68
CA VAL A 64 9.42 16.90 12.29
C VAL A 64 9.86 15.50 12.73
N ALA A 65 9.05 14.83 13.54
CA ALA A 65 9.43 13.55 14.15
C ALA A 65 9.30 12.41 13.16
N ALA A 66 8.23 12.40 12.38
CA ALA A 66 8.06 11.23 11.49
C ALA A 66 9.18 11.10 10.47
N PRO A 67 9.62 12.20 9.85
CA PRO A 67 10.73 12.05 8.91
C PRO A 67 12.01 11.49 9.55
N LEU A 68 12.25 11.81 10.82
CA LEU A 68 13.40 11.24 11.54
C LEU A 68 13.24 9.70 11.73
N HIS A 69 12.02 9.26 12.03
CA HIS A 69 11.70 7.84 12.14
C HIS A 69 11.90 7.14 10.78
N HIS A 70 11.45 7.78 9.69
CA HIS A 70 11.65 7.20 8.36
C HIS A 70 13.14 7.09 8.07
N GLU A 71 13.93 8.07 8.49
CA GLU A 71 15.38 8.07 8.25
C GLU A 71 16.01 6.92 9.06
N ASP A 72 15.58 6.73 10.31
CA ASP A 72 16.06 5.60 11.10
C ASP A 72 15.88 4.29 10.29
N GLU A 73 14.68 4.10 9.76
CA GLU A 73 14.40 2.90 8.97
C GLU A 73 15.27 2.82 7.72
N GLU A 74 15.30 3.90 6.93
CA GLU A 74 15.97 3.85 5.61
C GLU A 74 17.48 3.76 5.76
N GLU A 75 18.04 4.54 6.68
CA GLU A 75 19.49 4.64 6.77
C GLU A 75 20.09 3.50 7.57
N ASN A 76 19.39 3.08 8.63
CA ASN A 76 20.04 2.16 9.60
C ASN A 76 19.36 0.84 9.77
N PHE A 77 18.04 0.84 10.01
CA PHE A 77 17.44 -0.42 10.40
C PHE A 77 17.28 -1.31 9.15
N PHE A 78 16.67 -0.83 8.07
CA PHE A 78 16.42 -1.73 6.95
C PHE A 78 17.74 -2.32 6.42
N PRO A 79 18.79 -1.48 6.21
CA PRO A 79 20.03 -2.08 5.65
C PRO A 79 20.59 -3.16 6.57
N LEU A 80 20.52 -2.96 7.87
CA LEU A 80 21.05 -3.96 8.80
C LEU A 80 20.18 -5.21 8.77
N LEU A 81 18.86 -5.00 8.78
CA LEU A 81 17.98 -6.16 8.61
C LEU A 81 18.36 -7.01 7.42
N LEU A 82 18.56 -6.37 6.28
CA LEU A 82 18.88 -7.12 5.06
C LEU A 82 20.20 -7.85 5.09
N GLN A 83 21.14 -7.43 5.95
CA GLN A 83 22.38 -8.21 6.09
C GLN A 83 22.10 -9.53 6.70
N TYR A 84 21.08 -9.61 7.56
CA TYR A 84 20.82 -10.82 8.33
C TYR A 84 19.57 -11.57 7.86
N ALA A 85 18.81 -10.91 7.01
CA ALA A 85 17.51 -11.45 6.54
C ALA A 85 17.23 -10.95 5.11
N PRO A 86 18.05 -11.39 4.14
CA PRO A 86 17.93 -10.85 2.79
C PRO A 86 16.58 -11.15 2.15
N GLN A 87 15.88 -12.14 2.72
CA GLN A 87 14.54 -12.47 2.20
C GLN A 87 13.54 -11.32 2.39
N ALA A 88 13.90 -10.34 3.24
CA ALA A 88 13.05 -9.15 3.43
C ALA A 88 13.26 -8.10 2.29
N GLN A 89 14.08 -8.38 1.29
CA GLN A 89 14.43 -7.34 0.29
C GLN A 89 13.18 -6.72 -0.38
N GLU A 90 12.27 -7.56 -0.91
CA GLU A 90 11.11 -7.01 -1.63
CA GLU A 90 11.16 -6.96 -1.64
C GLU A 90 10.21 -6.21 -0.70
N SER A 91 10.09 -6.69 0.52
CA SER A 91 9.28 -5.96 1.49
C SER A 91 9.92 -4.62 1.83
N VAL A 92 11.23 -4.63 2.06
CA VAL A 92 11.91 -3.33 2.29
C VAL A 92 11.70 -2.41 1.11
N ASP A 93 11.89 -2.95 -0.08
CA ASP A 93 11.76 -2.06 -1.27
C ASP A 93 10.36 -1.44 -1.33
N GLU A 94 9.35 -2.22 -0.99
CA GLU A 94 7.96 -1.70 -1.04
C GLU A 94 7.74 -0.69 0.07
N LEU A 95 8.29 -0.94 1.26
CA LEU A 95 8.15 0.05 2.32
C LEU A 95 8.82 1.38 1.96
N LEU A 96 9.98 1.32 1.28
CA LEU A 96 10.63 2.57 0.83
C LEU A 96 9.74 3.27 -0.19
N ARG A 97 9.15 2.54 -1.15
CA ARG A 97 8.19 3.20 -2.07
C ARG A 97 7.05 3.85 -1.28
N GLN A 98 6.57 3.13 -0.28
CA GLN A 98 5.47 3.66 0.54
C GLN A 98 5.82 4.92 1.33
N HIS A 99 7.09 5.10 1.73
CA HIS A 99 7.44 6.30 2.47
C HIS A 99 7.17 7.54 1.61
N ILE A 100 7.33 7.42 0.30
CA ILE A 100 7.05 8.57 -0.57
C ILE A 100 5.54 8.86 -0.51
N GLY A 101 4.71 7.81 -0.55
CA GLY A 101 3.26 7.94 -0.44
C GLY A 101 2.87 8.54 0.90
N LEU A 102 3.53 8.09 1.97
CA LEU A 102 3.24 8.67 3.28
C LEU A 102 3.53 10.17 3.33
N HIS A 103 4.62 10.60 2.71
CA HIS A 103 4.96 12.02 2.66
C HIS A 103 3.91 12.76 1.88
N ASP A 104 3.48 12.22 0.75
CA ASP A 104 2.48 12.91 -0.08
C ASP A 104 1.13 12.98 0.63
N ASN A 105 0.76 11.90 1.34
CA ASN A 105 -0.52 11.90 2.06
C ASN A 105 -0.47 12.95 3.16
N TRP A 106 0.69 13.05 3.84
CA TRP A 106 0.83 14.00 4.92
C TRP A 106 0.74 15.45 4.33
N ALA A 107 1.38 15.70 3.21
CA ALA A 107 1.27 17.03 2.59
C ALA A 107 -0.19 17.42 2.35
N ALA A 108 -0.99 16.48 1.91
CA ALA A 108 -2.40 16.75 1.74
C ALA A 108 -3.13 17.07 3.05
N VAL A 109 -2.83 16.32 4.10
CA VAL A 109 -3.49 16.58 5.38
C VAL A 109 -3.04 17.95 5.87
N SER A 110 -1.75 18.24 5.72
CA SER A 110 -1.16 19.51 6.16
CA SER A 110 -1.16 19.50 6.17
C SER A 110 -1.82 20.67 5.47
N ALA A 111 -2.16 20.50 4.20
CA ALA A 111 -2.82 21.60 3.46
C ALA A 111 -4.25 21.85 4.01
N GLU A 112 -4.98 20.77 4.37
CA GLU A 112 -6.30 20.92 5.02
C GLU A 112 -6.18 21.60 6.39
N PHE A 113 -5.16 21.22 7.16
CA PHE A 113 -4.91 21.87 8.45
C PHE A 113 -4.68 23.38 8.32
N ALA A 114 -3.86 23.77 7.35
CA ALA A 114 -3.62 25.23 7.07
C ALA A 114 -4.95 25.92 6.70
N LYS A 115 -5.79 25.26 5.91
CA LYS A 115 -7.08 25.88 5.53
C LYS A 115 -7.95 26.07 6.76
N LEU A 116 -8.00 25.06 7.64
CA LEU A 116 -8.75 25.20 8.89
C LEU A 116 -8.22 26.35 9.76
N GLU A 117 -6.90 26.50 9.81
CA GLU A 117 -6.28 27.53 10.64
C GLU A 117 -6.61 28.90 10.10
N ALA A 118 -6.69 29.00 8.77
CA ALA A 118 -7.00 30.27 8.09
C ALA A 118 -8.48 30.61 8.12
N ASP A 119 -9.32 29.59 8.26
CA ASP A 119 -10.76 29.79 8.10
C ASP A 119 -11.46 28.72 8.88
N ASN A 120 -11.83 29.03 10.12
CA ASN A 120 -12.39 28.02 11.02
C ASN A 120 -13.78 27.55 10.57
N ALA A 121 -14.35 28.16 9.54
CA ALA A 121 -15.64 27.70 9.00
C ALA A 121 -15.43 26.71 7.87
N TYR A 122 -14.18 26.43 7.50
CA TYR A 122 -13.86 25.56 6.37
C TYR A 122 -14.27 24.12 6.70
N VAL A 123 -14.93 23.45 5.74
CA VAL A 123 -15.21 22.03 5.85
C VAL A 123 -14.02 21.26 5.21
N PRO A 124 -13.25 20.53 6.04
CA PRO A 124 -12.04 19.89 5.50
C PRO A 124 -12.38 18.65 4.66
N ASP A 125 -11.47 18.32 3.76
CA ASP A 125 -11.62 17.18 2.86
C ASP A 125 -11.39 15.89 3.63
N GLU A 126 -12.49 15.22 3.97
CA GLU A 126 -12.42 14.01 4.77
C GLU A 126 -11.59 12.94 4.06
N GLU A 127 -11.62 12.96 2.74
CA GLU A 127 -10.84 11.94 1.99
C GLU A 127 -9.35 12.09 2.23
N ALA A 128 -8.89 13.30 2.45
CA ALA A 128 -7.44 13.47 2.76
C ALA A 128 -7.10 12.81 4.09
N PHE A 129 -7.96 13.02 5.08
CA PHE A 129 -7.79 12.37 6.37
C PHE A 129 -7.85 10.83 6.27
N LYS A 130 -8.87 10.32 5.57
CA LYS A 130 -9.02 8.86 5.49
C LYS A 130 -7.84 8.22 4.73
N ARG A 131 -7.42 8.86 3.64
CA ARG A 131 -6.30 8.33 2.85
CA ARG A 131 -6.31 8.34 2.86
C ARG A 131 -5.05 8.27 3.74
N PHE A 132 -4.80 9.32 4.52
CA PHE A 132 -3.61 9.37 5.40
C PHE A 132 -3.63 8.23 6.43
N VAL A 133 -4.76 8.08 7.13
CA VAL A 133 -4.90 7.02 8.14
C VAL A 133 -4.72 5.67 7.51
N ALA A 134 -5.36 5.48 6.35
CA ALA A 134 -5.29 4.16 5.75
C ALA A 134 -3.87 3.86 5.27
N GLY A 135 -3.17 4.87 4.77
CA GLY A 135 -1.80 4.63 4.27
C GLY A 135 -0.91 4.12 5.40
N TYR A 136 -1.06 4.70 6.59
CA TYR A 136 -0.28 4.23 7.72
C TYR A 136 -0.72 2.85 8.17
N ASP A 137 -2.03 2.57 8.13
CA ASP A 137 -2.49 1.25 8.51
C ASP A 137 -1.84 0.19 7.62
N VAL A 138 -1.88 0.44 6.32
CA VAL A 138 -1.29 -0.51 5.35
C VAL A 138 0.20 -0.67 5.62
N HIS A 139 0.87 0.47 5.82
CA HIS A 139 2.32 0.46 5.96
C HIS A 139 2.76 -0.29 7.23
N LEU A 140 2.14 0.07 8.35
CA LEU A 140 2.53 -0.56 9.61
C LEU A 140 2.29 -2.05 9.60
N ALA A 141 1.23 -2.50 8.90
CA ALA A 141 0.95 -3.93 8.90
C ALA A 141 2.03 -4.72 8.18
N ILE A 142 2.62 -4.09 7.16
CA ILE A 142 3.74 -4.69 6.42
C ILE A 142 5.04 -4.59 7.19
N GLU A 143 5.23 -3.44 7.81
CA GLU A 143 6.51 -3.13 8.44
C GLU A 143 6.78 -3.83 9.76
N GLU A 144 5.80 -3.85 10.65
CA GLU A 144 6.06 -4.39 12.00
C GLU A 144 6.58 -5.85 11.99
N PRO A 145 6.05 -6.70 11.10
CA PRO A 145 6.68 -8.05 10.97
C PRO A 145 8.16 -8.03 10.76
N LEU A 146 8.64 -7.02 10.04
CA LEU A 146 10.10 -6.94 9.81
C LEU A 146 10.83 -6.53 11.07
N PHE A 147 10.16 -5.79 11.95
CA PHE A 147 10.76 -5.47 13.25
C PHE A 147 10.98 -6.78 14.00
N ASP A 148 9.98 -7.67 13.94
CA ASP A 148 10.08 -8.97 14.61
CA ASP A 148 10.08 -8.96 14.61
C ASP A 148 11.21 -9.80 13.98
N GLY A 150 13.78 -8.54 12.63
CA GLY A 150 15.03 -7.96 13.15
C GLY A 150 15.38 -8.41 14.55
N ASN A 151 14.39 -8.52 15.44
CA ASN A 151 14.67 -9.03 16.76
C ASN A 151 15.22 -10.44 16.71
N THR A 152 14.75 -11.21 15.74
CA THR A 152 15.14 -12.62 15.67
C THR A 152 16.52 -12.78 15.05
N PHE A 153 16.77 -12.04 13.97
CA PHE A 153 17.96 -12.32 13.19
C PHE A 153 19.14 -11.39 13.38
N ILE A 154 18.93 -10.16 13.86
CA ILE A 154 20.07 -9.24 13.95
C ILE A 154 20.82 -9.41 15.26
N PRO A 155 22.17 -9.57 15.19
CA PRO A 155 22.90 -9.69 16.45
C PRO A 155 22.65 -8.49 17.38
N LYS A 156 22.55 -8.76 18.67
CA LYS A 156 22.31 -7.72 19.67
C LYS A 156 23.29 -6.55 19.54
N GLU A 157 24.58 -6.86 19.31
CA GLU A 157 25.59 -5.80 19.31
C GLU A 157 25.48 -4.89 18.09
N LYS A 158 24.96 -5.48 17.01
CA LYS A 158 24.70 -4.68 15.78
C LYS A 158 23.54 -3.71 16.02
N LEU A 159 22.52 -4.15 16.79
CA LEU A 159 21.39 -3.26 17.15
C LEU A 159 21.87 -2.14 18.08
N THR A 160 22.71 -2.48 19.07
CA THR A 160 23.25 -1.45 19.95
C THR A 160 23.95 -0.40 19.11
N GLU A 161 24.70 -0.86 18.09
CA GLU A 161 25.42 0.06 17.20
C GLU A 161 24.47 1.02 16.41
N ILE A 162 23.42 0.50 15.76
CA ILE A 162 22.51 1.47 15.12
C ILE A 162 21.71 2.34 16.09
N GLY A 163 21.44 1.82 17.29
CA GLY A 163 20.85 2.61 18.37
C GLY A 163 21.62 3.91 18.65
N GLU A 164 22.97 3.83 18.72
CA GLU A 164 23.80 5.02 18.97
CA GLU A 164 23.77 5.04 18.96
C GLU A 164 23.63 6.02 17.82
N ILE A 165 23.62 5.52 16.56
CA ILE A 165 23.40 6.48 15.46
C ILE A 165 22.03 7.18 15.50
N ALA A 167 20.11 7.79 18.12
CA ALA A 167 20.15 8.77 19.23
C ALA A 167 20.73 10.14 18.78
N ALA A 168 21.83 10.08 18.01
CA ALA A 168 22.50 11.30 17.47
C ALA A 168 21.68 12.14 16.47
N ARG A 169 20.89 11.45 15.64
CA ARG A 169 19.95 12.09 14.74
C ARG A 169 19.00 13.12 15.40
N ARG A 170 18.65 12.87 16.65
CA ARG A 170 17.73 13.74 17.41
C ARG A 170 18.38 15.03 17.91
N ARG A 171 19.71 15.06 17.92
CA ARG A 171 20.46 16.23 18.41
C ARG A 171 20.71 17.26 17.29
N LYS A 172 20.85 16.74 16.07
CA LYS A 172 20.85 17.51 14.80
C LYS A 172 21.78 16.86 13.76
N ALA B 15 -21.90 -17.99 -11.84
CA ALA B 15 -22.94 -18.30 -10.81
C ALA B 15 -22.35 -18.30 -9.41
N GLU B 16 -21.02 -18.37 -9.32
CA GLU B 16 -20.33 -18.29 -8.05
C GLU B 16 -19.37 -17.09 -8.15
N PRO B 17 -19.89 -15.85 -7.97
CA PRO B 17 -19.05 -14.70 -8.32
C PRO B 17 -17.80 -14.59 -7.46
N ILE B 18 -17.87 -14.98 -6.19
CA ILE B 18 -16.66 -14.91 -5.37
C ILE B 18 -15.63 -15.93 -5.86
N GLU B 19 -16.10 -17.08 -6.33
CA GLU B 19 -15.15 -18.03 -6.91
CA GLU B 19 -15.20 -18.06 -6.97
C GLU B 19 -14.56 -17.45 -8.21
N LEU B 21 -14.00 -14.25 -8.73
CA LEU B 21 -13.03 -13.25 -8.32
C LEU B 21 -11.71 -13.92 -7.92
N TYR B 22 -11.81 -14.99 -7.12
CA TYR B 22 -10.60 -15.75 -6.77
C TYR B 22 -9.92 -16.34 -8.01
N ALA B 23 -10.70 -16.78 -9.00
CA ALA B 23 -10.07 -17.37 -10.22
C ALA B 23 -9.21 -16.32 -10.93
N CYS B 24 -9.77 -15.12 -11.02
CA CYS B 24 -9.00 -14.01 -11.60
C CYS B 24 -7.75 -13.73 -10.81
N HIS B 25 -7.83 -13.75 -9.47
CA HIS B 25 -6.60 -13.61 -8.68
C HIS B 25 -5.58 -14.68 -8.96
N GLY B 26 -6.01 -15.91 -9.24
CA GLY B 26 -5.07 -16.97 -9.63
C GLY B 26 -4.31 -16.55 -10.88
N LYS B 27 -5.01 -15.92 -11.82
CA LYS B 27 -4.36 -15.45 -13.06
C LYS B 27 -3.41 -14.31 -12.74
N VAL B 28 -3.86 -13.40 -11.88
CA VAL B 28 -2.97 -12.29 -11.48
C VAL B 28 -1.70 -12.80 -10.83
N ARG B 29 -1.83 -13.77 -9.94
CA ARG B 29 -0.66 -14.28 -9.28
C ARG B 29 0.29 -14.96 -10.25
N ARG B 30 -0.27 -15.73 -11.19
CA ARG B 30 0.55 -16.40 -12.23
CA ARG B 30 0.61 -16.39 -12.16
C ARG B 30 1.35 -15.37 -13.03
N PHE B 31 0.63 -14.38 -13.54
CA PHE B 31 1.30 -13.38 -14.36
C PHE B 31 2.29 -12.53 -13.57
N CYS B 32 1.96 -12.19 -12.33
CA CYS B 32 2.94 -11.48 -11.47
C CYS B 32 4.19 -12.31 -11.25
N GLY B 33 4.01 -13.63 -11.09
CA GLY B 33 5.15 -14.52 -10.90
C GLY B 33 6.05 -14.48 -12.11
N GLN B 34 5.42 -14.37 -13.29
CA GLN B 34 6.20 -14.30 -14.53
C GLN B 34 6.91 -12.96 -14.62
N VAL B 35 6.21 -11.87 -14.29
CA VAL B 35 6.85 -10.54 -14.30
C VAL B 35 8.04 -10.49 -13.37
N ALA B 36 7.92 -11.16 -12.21
CA ALA B 36 9.01 -11.17 -11.22
C ALA B 36 10.27 -11.88 -11.74
N LEU B 38 11.12 -11.92 -15.13
CA LEU B 38 11.49 -11.42 -16.45
CA LEU B 38 11.47 -11.42 -16.44
C LEU B 38 12.89 -10.82 -16.57
N SER B 39 13.23 -9.94 -15.64
CA SER B 39 14.54 -9.28 -15.66
CA SER B 39 14.53 -9.28 -15.73
C SER B 39 15.65 -10.31 -15.76
N ASP B 40 15.61 -11.29 -14.85
CA ASP B 40 16.70 -12.25 -14.84
C ASP B 40 16.66 -13.17 -16.04
N TYR B 41 15.47 -13.56 -16.46
CA TYR B 41 15.35 -14.42 -17.64
C TYR B 41 15.92 -13.75 -18.91
N ILE B 42 15.55 -12.48 -19.11
CA ILE B 42 16.08 -11.73 -20.24
C ILE B 42 17.59 -11.54 -20.17
N ALA B 43 18.10 -11.27 -18.97
CA ALA B 43 19.56 -11.16 -18.86
C ALA B 43 20.23 -12.48 -19.29
N GLU B 44 19.69 -13.58 -18.80
CA GLU B 44 20.29 -14.91 -19.04
CA GLU B 44 20.33 -14.87 -19.07
C GLU B 44 20.16 -15.38 -20.49
N ASN B 45 18.98 -15.17 -21.07
CA ASN B 45 18.60 -15.75 -22.34
C ASN B 45 18.37 -14.79 -23.49
N GLY B 46 18.34 -13.49 -23.22
CA GLY B 46 17.88 -12.54 -24.22
C GLY B 46 16.35 -12.41 -24.21
N CYS B 47 15.91 -11.39 -24.92
CA CYS B 47 14.49 -11.23 -25.17
C CYS B 47 14.14 -12.16 -26.33
N ASN B 48 14.00 -13.45 -26.02
CA ASN B 48 13.75 -14.51 -27.03
C ASN B 48 12.27 -14.70 -27.26
N GLN B 49 11.89 -15.71 -28.07
CA GLN B 49 10.47 -15.88 -28.43
C GLN B 49 9.64 -16.25 -27.23
N ILE B 50 10.24 -16.98 -26.31
CA ILE B 50 9.54 -17.31 -25.06
CA ILE B 50 9.54 -17.31 -25.06
C ILE B 50 9.18 -16.02 -24.31
N VAL B 51 10.14 -15.11 -24.19
CA VAL B 51 9.83 -13.80 -23.57
C VAL B 51 8.70 -13.06 -24.33
N LEU B 52 8.77 -13.01 -25.65
CA LEU B 52 7.79 -12.24 -26.40
C LEU B 52 6.40 -12.85 -26.26
N GLN B 53 6.34 -14.18 -26.23
CA GLN B 53 5.04 -14.85 -26.05
C GLN B 53 4.49 -14.60 -24.65
N THR B 54 5.39 -14.61 -23.65
CA THR B 54 4.97 -14.44 -22.26
C THR B 54 4.44 -13.03 -22.05
N ILE B 55 5.18 -12.03 -22.55
CA ILE B 55 4.74 -10.65 -22.33
C ILE B 55 3.47 -10.33 -23.12
N ARG B 56 3.26 -10.97 -24.27
CA ARG B 56 2.02 -10.80 -24.99
C ARG B 56 0.84 -11.25 -24.12
N GLN B 57 1.00 -12.41 -23.48
CA GLN B 57 -0.10 -12.95 -22.72
C GLN B 57 -0.38 -12.11 -21.46
N ILE B 58 0.69 -11.68 -20.78
CA ILE B 58 0.52 -10.82 -19.61
C ILE B 58 -0.20 -9.52 -20.02
N ALA B 59 0.21 -8.91 -21.12
CA ALA B 59 -0.37 -7.65 -21.56
C ALA B 59 -1.83 -7.81 -21.92
N GLN B 60 -2.20 -8.92 -22.57
CA GLN B 60 -3.61 -9.13 -22.89
C GLN B 60 -4.41 -9.10 -21.59
N TYR B 61 -3.91 -9.78 -20.58
CA TYR B 61 -4.64 -9.87 -19.32
C TYR B 61 -4.76 -8.48 -18.68
N PHE B 62 -3.63 -7.77 -18.51
CA PHE B 62 -3.74 -6.49 -17.81
C PHE B 62 -4.28 -5.33 -18.63
N ASN B 63 -4.25 -5.43 -19.97
CA ASN B 63 -4.90 -4.39 -20.76
C ASN B 63 -6.41 -4.56 -20.82
N VAL B 64 -6.91 -5.80 -20.76
CA VAL B 64 -8.33 -5.99 -21.03
CA VAL B 64 -8.33 -6.06 -21.06
C VAL B 64 -9.06 -6.64 -19.85
N ALA B 65 -8.58 -7.81 -19.39
CA ALA B 65 -9.23 -8.55 -18.31
C ALA B 65 -9.14 -7.91 -16.94
N ALA B 66 -7.97 -7.40 -16.59
CA ALA B 66 -7.84 -6.86 -15.22
C ALA B 66 -8.79 -5.66 -14.98
N PRO B 67 -8.89 -4.73 -15.93
CA PRO B 67 -9.88 -3.67 -15.68
C PRO B 67 -11.32 -4.17 -15.50
N LEU B 68 -11.68 -5.25 -16.18
CA LEU B 68 -13.02 -5.80 -15.98
C LEU B 68 -13.17 -6.42 -14.60
N HIS B 69 -12.11 -7.03 -14.12
CA HIS B 69 -12.09 -7.58 -12.76
C HIS B 69 -12.26 -6.43 -11.73
N HIS B 70 -11.54 -5.33 -11.94
CA HIS B 70 -11.62 -4.19 -11.05
C HIS B 70 -13.04 -3.65 -11.11
N GLU B 71 -13.67 -3.64 -12.31
CA GLU B 71 -15.06 -3.18 -12.43
CA GLU B 71 -15.05 -3.16 -12.42
C GLU B 71 -16.04 -4.08 -11.64
N ASP B 72 -15.81 -5.40 -11.71
CA ASP B 72 -16.63 -6.33 -10.95
C ASP B 72 -16.59 -5.91 -9.49
N GLU B 73 -15.39 -5.59 -9.00
CA GLU B 73 -15.24 -5.24 -7.60
C GLU B 73 -15.89 -3.93 -7.26
N GLU B 74 -15.61 -2.90 -8.06
CA GLU B 74 -16.09 -1.54 -7.75
C GLU B 74 -17.58 -1.41 -7.94
N GLU B 75 -18.09 -2.00 -9.01
CA GLU B 75 -19.51 -1.82 -9.35
C GLU B 75 -20.45 -2.77 -8.60
N ASN B 76 -20.02 -4.00 -8.32
CA ASN B 76 -20.95 -5.03 -7.83
C ASN B 76 -20.53 -5.66 -6.53
N PHE B 77 -19.30 -6.17 -6.44
CA PHE B 77 -18.98 -6.94 -5.21
C PHE B 77 -18.78 -6.01 -4.01
N PHE B 78 -17.96 -4.94 -4.14
CA PHE B 78 -17.73 -4.15 -2.89
C PHE B 78 -19.05 -3.53 -2.36
N PRO B 79 -19.89 -2.94 -3.24
CA PRO B 79 -21.12 -2.33 -2.69
C PRO B 79 -22.01 -3.37 -2.01
N LEU B 80 -22.06 -4.57 -2.57
CA LEU B 80 -22.94 -5.59 -1.99
C LEU B 80 -22.33 -6.06 -0.65
N LEU B 81 -21.00 -6.26 -0.63
CA LEU B 81 -20.33 -6.61 0.62
C LEU B 81 -20.66 -5.61 1.73
N LEU B 82 -20.60 -4.31 1.43
CA LEU B 82 -20.83 -3.27 2.45
C LEU B 82 -22.27 -3.24 2.91
N GLN B 83 -23.23 -3.71 2.09
CA GLN B 83 -24.62 -3.78 2.56
C GLN B 83 -24.72 -4.77 3.73
N TYR B 84 -23.85 -5.81 3.76
CA TYR B 84 -23.97 -6.91 4.74
C TYR B 84 -22.89 -6.88 5.79
N ALA B 85 -21.75 -6.27 5.44
CA ALA B 85 -20.53 -6.36 6.25
C ALA B 85 -19.85 -4.98 6.24
N PRO B 86 -20.51 -3.97 6.85
CA PRO B 86 -20.04 -2.58 6.82
C PRO B 86 -18.68 -2.41 7.50
N GLN B 87 -18.24 -3.43 8.25
CA GLN B 87 -16.87 -3.38 8.84
C GLN B 87 -15.78 -3.21 7.76
N ALA B 88 -16.09 -3.61 6.54
CA ALA B 88 -15.15 -3.56 5.41
C ALA B 88 -14.98 -2.15 4.83
N GLN B 89 -15.68 -1.14 5.34
CA GLN B 89 -15.68 0.14 4.68
C GLN B 89 -14.28 0.70 4.44
N GLU B 90 -13.46 0.78 5.50
CA GLU B 90 -12.07 1.31 5.39
CA GLU B 90 -12.15 1.40 5.24
C GLU B 90 -11.25 0.54 4.34
N SER B 91 -11.38 -0.77 4.42
CA SER B 91 -10.66 -1.64 3.49
C SER B 91 -11.10 -1.42 2.04
N VAL B 92 -12.42 -1.40 1.82
CA VAL B 92 -12.89 -1.10 0.44
C VAL B 92 -12.37 0.26 -0.03
N ASP B 93 -12.47 1.31 0.81
CA ASP B 93 -12.03 2.62 0.31
C ASP B 93 -10.55 2.59 -0.08
N GLU B 94 -9.73 1.86 0.70
CA GLU B 94 -8.29 1.82 0.41
C GLU B 94 -8.04 0.97 -0.85
N LEU B 95 -8.79 -0.13 -1.00
CA LEU B 95 -8.66 -0.93 -2.23
C LEU B 95 -9.01 -0.10 -3.47
N LEU B 96 -10.06 0.72 -3.34
CA LEU B 96 -10.39 1.60 -4.49
C LEU B 96 -9.28 2.61 -4.80
N ARG B 97 -8.68 3.21 -3.77
CA ARG B 97 -7.55 4.10 -4.05
CA ARG B 97 -7.50 4.09 -3.96
C ARG B 97 -6.41 3.30 -4.71
N GLN B 98 -6.19 2.09 -4.25
CA GLN B 98 -5.13 1.29 -4.82
C GLN B 98 -5.34 0.88 -6.28
N HIS B 99 -6.60 0.73 -6.72
CA HIS B 99 -6.82 0.35 -8.11
C HIS B 99 -6.18 1.43 -9.00
N ILE B 100 -6.17 2.67 -8.56
CA ILE B 100 -5.52 3.72 -9.38
C ILE B 100 -4.00 3.43 -9.51
N GLY B 101 -3.39 3.09 -8.38
CA GLY B 101 -1.96 2.80 -8.39
C GLY B 101 -1.66 1.55 -9.20
N LEU B 102 -2.54 0.55 -9.12
CA LEU B 102 -2.35 -0.66 -9.94
C LEU B 102 -2.38 -0.28 -11.41
N HIS B 103 -3.28 0.63 -11.81
CA HIS B 103 -3.33 1.05 -13.21
C HIS B 103 -2.03 1.76 -13.60
N ASP B 104 -1.53 2.61 -12.71
CA ASP B 104 -0.33 3.37 -12.99
C ASP B 104 0.86 2.41 -13.12
N ASN B 105 0.91 1.43 -12.22
CA ASN B 105 2.04 0.52 -12.27
C ASN B 105 1.98 -0.33 -13.53
N TRP B 106 0.78 -0.79 -13.91
CA TRP B 106 0.68 -1.54 -15.15
C TRP B 106 1.09 -0.69 -16.37
N ALA B 107 0.72 0.61 -16.39
CA ALA B 107 1.08 1.42 -17.55
C ALA B 107 2.59 1.43 -17.72
N ALA B 108 3.33 1.48 -16.61
CA ALA B 108 4.81 1.47 -16.72
C ALA B 108 5.32 0.15 -17.26
N VAL B 109 4.77 -0.95 -16.77
CA VAL B 109 5.22 -2.25 -17.31
C VAL B 109 4.83 -2.37 -18.80
N SER B 110 3.61 -2.00 -19.14
CA SER B 110 3.18 -2.01 -20.54
C SER B 110 4.16 -1.27 -21.46
N ALA B 111 4.63 -0.10 -21.03
CA ALA B 111 5.55 0.65 -21.85
C ALA B 111 6.90 -0.12 -22.00
N GLU B 112 7.36 -0.78 -20.94
CA GLU B 112 8.60 -1.56 -21.04
C GLU B 112 8.39 -2.72 -22.00
N PHE B 113 7.21 -3.33 -21.95
CA PHE B 113 6.93 -4.41 -22.92
C PHE B 113 6.93 -3.92 -24.36
N ALA B 114 6.37 -2.73 -24.60
CA ALA B 114 6.34 -2.21 -25.96
C ALA B 114 7.77 -1.94 -26.44
N LYS B 115 8.64 -1.45 -25.55
CA LYS B 115 10.05 -1.23 -25.92
C LYS B 115 10.71 -2.54 -26.28
N LEU B 116 10.45 -3.58 -25.49
CA LEU B 116 11.06 -4.90 -25.76
C LEU B 116 10.60 -5.41 -27.11
N GLU B 117 9.32 -5.21 -27.44
CA GLU B 117 8.80 -5.70 -28.70
C GLU B 117 9.38 -4.98 -29.90
N ALA B 118 9.64 -3.69 -29.73
CA ALA B 118 10.21 -2.87 -30.80
C ALA B 118 11.75 -3.05 -30.89
N ASP B 119 12.38 -3.46 -29.79
CA ASP B 119 13.84 -3.52 -29.74
C ASP B 119 14.21 -4.64 -28.79
N ASN B 120 14.50 -5.80 -29.36
CA ASN B 120 14.75 -6.98 -28.48
C ASN B 120 16.10 -6.89 -27.70
N ALA B 121 16.91 -5.88 -28.00
CA ALA B 121 18.17 -5.65 -27.25
C ALA B 121 17.97 -4.73 -26.04
N TYR B 122 16.75 -4.20 -25.89
CA TYR B 122 16.47 -3.23 -24.81
C TYR B 122 16.59 -3.88 -23.43
N VAL B 123 17.26 -3.20 -22.49
CA VAL B 123 17.29 -3.69 -21.10
C VAL B 123 16.14 -3.02 -20.34
N PRO B 124 15.14 -3.81 -19.90
CA PRO B 124 13.95 -3.20 -19.30
C PRO B 124 14.21 -2.78 -17.87
N ASP B 125 13.36 -1.90 -17.38
CA ASP B 125 13.56 -1.29 -16.07
C ASP B 125 13.05 -2.26 -15.03
N GLU B 126 13.97 -2.93 -14.36
CA GLU B 126 13.57 -3.90 -13.35
C GLU B 126 12.66 -3.27 -12.26
N GLU B 127 12.87 -2.00 -11.94
CA GLU B 127 12.04 -1.43 -10.86
C GLU B 127 10.59 -1.35 -11.31
N ALA B 128 10.33 -1.13 -12.60
CA ALA B 128 8.91 -1.10 -13.03
C ALA B 128 8.28 -2.46 -12.77
N PHE B 129 9.02 -3.53 -13.06
CA PHE B 129 8.51 -4.86 -12.84
C PHE B 129 8.30 -5.14 -11.35
N LYS B 130 9.31 -4.79 -10.54
CA LYS B 130 9.24 -5.05 -9.09
CA LYS B 130 9.20 -5.07 -9.11
C LYS B 130 8.08 -4.28 -8.46
N ARG B 131 7.94 -3.02 -8.84
CA ARG B 131 6.87 -2.18 -8.30
CA ARG B 131 6.87 -2.19 -8.29
C ARG B 131 5.48 -2.77 -8.62
N PHE B 132 5.31 -3.27 -9.84
CA PHE B 132 4.05 -3.84 -10.25
C PHE B 132 3.74 -5.11 -9.44
N VAL B 133 4.71 -6.02 -9.27
CA VAL B 133 4.49 -7.26 -8.53
C VAL B 133 4.20 -6.93 -7.08
N ALA B 134 4.94 -5.97 -6.50
CA ALA B 134 4.68 -5.65 -5.08
C ALA B 134 3.32 -5.00 -4.89
N GLY B 135 2.93 -4.17 -5.86
CA GLY B 135 1.61 -3.47 -5.72
C GLY B 135 0.49 -4.50 -5.63
N TYR B 136 0.57 -5.53 -6.46
CA TYR B 136 -0.44 -6.57 -6.43
C TYR B 136 -0.31 -7.44 -5.16
N ASP B 137 0.91 -7.69 -4.69
CA ASP B 137 1.06 -8.48 -3.47
C ASP B 137 0.35 -7.73 -2.31
N VAL B 138 0.60 -6.43 -2.22
CA VAL B 138 0.00 -5.61 -1.17
C VAL B 138 -1.52 -5.62 -1.29
N HIS B 139 -2.00 -5.43 -2.51
CA HIS B 139 -3.44 -5.29 -2.73
C HIS B 139 -4.19 -6.59 -2.43
N LEU B 140 -3.67 -7.69 -2.97
CA LEU B 140 -4.35 -8.98 -2.81
C LEU B 140 -4.40 -9.42 -1.34
N ALA B 141 -3.35 -9.09 -0.60
CA ALA B 141 -3.33 -9.43 0.82
C ALA B 141 -4.46 -8.74 1.59
N ILE B 142 -4.75 -7.52 1.22
CA ILE B 142 -5.85 -6.80 1.85
C ILE B 142 -7.18 -7.25 1.30
N GLU B 143 -7.23 -7.53 -0.01
CA GLU B 143 -8.54 -7.80 -0.64
C GLU B 143 -9.09 -9.19 -0.37
N GLU B 144 -8.25 -10.21 -0.35
CA GLU B 144 -8.78 -11.58 -0.26
C GLU B 144 -9.57 -11.86 1.03
N PRO B 145 -9.15 -11.30 2.18
CA PRO B 145 -10.04 -11.42 3.37
C PRO B 145 -11.44 -10.86 3.14
N LEU B 146 -11.60 -9.90 2.24
CA LEU B 146 -12.94 -9.39 2.00
CA LEU B 146 -12.93 -9.38 2.01
C LEU B 146 -13.76 -10.38 1.19
N PHE B 147 -13.08 -11.19 0.37
CA PHE B 147 -13.79 -12.26 -0.33
C PHE B 147 -14.32 -13.29 0.66
N ASP B 148 -13.50 -13.62 1.64
CA ASP B 148 -13.91 -14.56 2.66
CA ASP B 148 -13.90 -14.55 2.68
C ASP B 148 -15.06 -13.95 3.47
N GLY B 150 -17.22 -11.86 2.35
CA GLY B 150 -18.44 -11.92 1.50
C GLY B 150 -19.09 -13.31 1.61
N ASN B 151 -18.27 -14.38 1.60
CA ASN B 151 -18.80 -15.72 1.77
C ASN B 151 -19.53 -15.87 3.13
N THR B 152 -18.96 -15.24 4.16
CA THR B 152 -19.55 -15.33 5.50
C THR B 152 -20.89 -14.60 5.57
N PHE B 153 -20.93 -13.38 5.02
CA PHE B 153 -22.04 -12.45 5.36
C PHE B 153 -23.04 -12.15 4.28
N ILE B 154 -22.67 -12.34 2.99
CA ILE B 154 -23.61 -11.99 1.92
C ILE B 154 -24.52 -13.16 1.57
N PRO B 155 -25.86 -12.91 1.52
CA PRO B 155 -26.77 -14.00 1.12
C PRO B 155 -26.47 -14.65 -0.23
N LYS B 156 -26.61 -15.98 -0.34
CA LYS B 156 -26.27 -16.66 -1.58
C LYS B 156 -27.06 -16.09 -2.76
N GLU B 157 -28.35 -15.79 -2.55
CA GLU B 157 -29.15 -15.28 -3.68
C GLU B 157 -28.69 -13.90 -4.14
N LYS B 158 -28.16 -13.11 -3.21
CA LYS B 158 -27.61 -11.82 -3.60
C LYS B 158 -26.36 -12.00 -4.46
N LEU B 159 -25.54 -12.97 -4.11
CA LEU B 159 -24.32 -13.26 -4.90
C LEU B 159 -24.71 -13.78 -6.30
N THR B 160 -25.70 -14.67 -6.38
CA THR B 160 -26.17 -15.11 -7.73
C THR B 160 -26.56 -13.90 -8.57
N GLU B 161 -27.23 -12.93 -7.94
CA GLU B 161 -27.62 -11.75 -8.68
C GLU B 161 -26.41 -10.95 -9.24
N ILE B 162 -25.38 -10.68 -8.44
CA ILE B 162 -24.25 -9.99 -9.02
C ILE B 162 -23.45 -10.83 -9.98
N GLY B 163 -23.43 -12.17 -9.80
CA GLY B 163 -22.79 -13.02 -10.81
C GLY B 163 -23.36 -12.84 -12.22
N GLU B 164 -24.68 -12.63 -12.31
CA GLU B 164 -25.32 -12.44 -13.61
C GLU B 164 -24.77 -11.19 -14.30
N ILE B 165 -24.63 -10.11 -13.53
CA ILE B 165 -24.07 -8.87 -14.09
C ILE B 165 -22.62 -9.01 -14.56
N ALA B 167 -21.16 -11.70 -15.50
CA ALA B 167 -21.10 -12.55 -16.68
C ALA B 167 -21.41 -11.72 -17.94
N ALA B 168 -22.40 -10.83 -17.84
CA ALA B 168 -22.74 -9.92 -18.94
C ALA B 168 -21.63 -8.92 -19.35
N ARG B 169 -20.88 -8.39 -18.38
CA ARG B 169 -19.69 -7.57 -18.66
C ARG B 169 -18.68 -8.25 -19.60
N ARG B 170 -18.65 -9.58 -19.61
CA ARG B 170 -17.73 -10.32 -20.51
C ARG B 170 -18.24 -10.47 -21.93
N ARG B 171 -19.54 -10.24 -22.15
CA ARG B 171 -20.12 -10.43 -23.48
C ARG B 171 -20.10 -9.11 -24.25
N LYS B 172 -20.19 -8.02 -23.50
CA LYS B 172 -19.89 -6.64 -23.98
C LYS B 172 -20.85 -5.60 -23.38
#